data_7D3C
#
_entry.id   7D3C
#
_cell.length_a   79.620
_cell.length_b   93.223
_cell.length_c   103.015
_cell.angle_alpha   90.000
_cell.angle_beta   90.000
_cell.angle_gamma   90.000
#
_symmetry.space_group_name_H-M   'P 21 21 21'
#
loop_
_entity.id
_entity.type
_entity.pdbx_description
1 polymer '3C-like proteinase'
2 polymer N-[(5-METHYLISOXAZOL-3-YL)CARBONYL]ALANYL-L-VALYL-N~1~-((1R,2Z)-4-(BENZYLOXY)-4-OXO-1-{[(3R)-2-OXOPYRROLIDIN-3-YL]METHYL}BUT-2-ENYL)-L-LEUCINAMIDE
3 water water
#
loop_
_entity_poly.entity_id
_entity_poly.type
_entity_poly.pdbx_seq_one_letter_code
_entity_poly.pdbx_strand_id
1 'polypeptide(L)'
;SGLVKMSHPSGDVEACMVQVTCGSMTLNGLWLDDTVWCPRHVMCPADQLSDPNYDALLISMTNHSFSVQKHIGAPANLRV
VGHAMQGTLLKLTVDVANPSTPAYTFTTVKPGAAFSVLACYNGRPTGTFTVVMRPNYTIKGSFLCGSCGSVGYTKEGSVI
NFCYMHQMELANGTHTGSAFDGTMYGAFMDKQVHQVQLTDKYCSVNVVAWLYAAILNGCAWFVKPNRTSVVSFNEWALAN
QFTEFVGTQSVDMLAVKTGVAIEQLLYAIQQLYTGFQGKQILGSTMLEDEFTPEDVNMQIMGVVMQ
;
B,A
2 'polypeptide(L)' (02J)AVL(PJE)(010) C,E
#
# COMPACT_ATOMS: atom_id res chain seq x y z
N SER A 1 7.32 7.07 -11.89
CA SER A 1 6.88 5.86 -12.57
C SER A 1 5.37 5.91 -12.71
N GLY A 2 4.70 6.49 -11.74
CA GLY A 2 3.26 6.48 -11.72
C GLY A 2 2.75 5.13 -11.27
N LEU A 3 3.65 4.31 -10.72
CA LEU A 3 3.31 2.98 -10.24
C LEU A 3 3.57 2.88 -8.76
N VAL A 4 2.48 2.68 -8.03
CA VAL A 4 2.54 2.61 -6.61
C VAL A 4 1.90 1.29 -6.20
N LYS A 5 2.22 0.83 -4.99
CA LYS A 5 1.66 -0.37 -4.42
C LYS A 5 0.27 -0.05 -3.96
N MET A 6 -0.73 -0.30 -4.80
CA MET A 6 -2.07 0.10 -4.45
C MET A 6 -2.95 -1.04 -3.95
N SER A 7 -3.55 -0.87 -2.77
CA SER A 7 -4.51 -1.85 -2.27
C SER A 7 -5.91 -1.25 -2.34
N HIS A 8 -6.93 -2.09 -2.26
CA HIS A 8 -8.33 -1.60 -2.18
C HIS A 8 -8.57 -0.81 -0.90
N PRO A 9 -9.54 0.13 -0.94
CA PRO A 9 -9.97 0.73 0.32
C PRO A 9 -10.44 -0.41 1.21
N SER A 10 -10.15 -0.32 2.50
CA SER A 10 -10.32 -1.45 3.40
C SER A 10 -11.57 -1.38 4.29
N GLY A 11 -12.33 -0.28 4.18
CA GLY A 11 -13.51 -0.07 5.02
C GLY A 11 -14.42 -1.29 5.09
N ASP A 12 -14.75 -1.84 3.92
CA ASP A 12 -15.66 -2.97 3.81
C ASP A 12 -15.21 -4.14 4.64
N VAL A 13 -13.91 -4.38 4.70
CA VAL A 13 -13.43 -5.57 5.38
C VAL A 13 -13.18 -5.30 6.86
N GLU A 14 -12.85 -4.05 7.18
CA GLU A 14 -12.69 -3.65 8.58
C GLU A 14 -13.94 -4.02 9.39
N ALA A 15 -15.12 -3.76 8.84
CA ALA A 15 -16.37 -4.00 9.57
C ALA A 15 -16.71 -5.48 9.76
N CYS A 16 -15.83 -6.35 9.25
CA CYS A 16 -16.05 -7.78 9.36
C CYS A 16 -15.05 -8.45 10.29
N MET A 17 -14.09 -7.67 10.79
CA MET A 17 -13.04 -8.25 11.63
C MET A 17 -13.52 -8.36 13.06
N VAL A 18 -13.14 -9.45 13.72
CA VAL A 18 -13.51 -9.75 15.10
C VAL A 18 -12.33 -10.47 15.73
N GLN A 19 -12.38 -10.64 17.05
CA GLN A 19 -11.37 -11.44 17.73
C GLN A 19 -11.98 -12.78 18.11
N VAL A 20 -11.22 -13.85 17.98
CA VAL A 20 -11.71 -15.16 18.40
C VAL A 20 -10.75 -15.79 19.40
N THR A 21 -11.28 -16.26 20.52
CA THR A 21 -10.45 -16.97 21.50
C THR A 21 -10.93 -18.39 21.69
N CYS A 22 -9.98 -19.29 21.87
CA CYS A 22 -10.26 -20.67 22.26
C CYS A 22 -9.07 -21.14 23.07
N GLY A 23 -9.32 -21.61 24.29
CA GLY A 23 -8.24 -21.99 25.18
C GLY A 23 -7.35 -20.80 25.47
N SER A 24 -6.05 -21.02 25.37
CA SER A 24 -5.03 -20.00 25.54
C SER A 24 -4.91 -19.05 24.34
N MET A 25 -5.15 -19.60 23.15
CA MET A 25 -4.97 -18.88 21.89
C MET A 25 -5.99 -17.77 21.61
N THR A 26 -5.49 -16.62 21.16
CA THR A 26 -6.35 -15.54 20.66
C THR A 26 -5.86 -15.09 19.28
N LEU A 27 -6.78 -14.75 18.37
CA LEU A 27 -6.42 -14.35 17.01
C LEU A 27 -7.61 -13.72 16.32
N ASN A 28 -7.47 -13.37 15.03
CA ASN A 28 -8.55 -12.70 14.31
C ASN A 28 -9.52 -13.64 13.59
N GLY A 29 -10.73 -13.19 13.36
CA GLY A 29 -11.70 -13.99 12.64
C GLY A 29 -12.44 -13.06 11.71
N LEU A 30 -13.10 -13.64 10.71
CA LEU A 30 -13.79 -12.85 9.69
C LEU A 30 -15.27 -13.15 9.85
N TRP A 31 -16.06 -12.12 10.10
CA TRP A 31 -17.47 -12.26 10.40
C TRP A 31 -18.26 -11.87 9.17
N LEU A 32 -18.82 -12.87 8.50
CA LEU A 32 -19.64 -12.69 7.32
C LEU A 32 -20.99 -13.32 7.63
N ASP A 33 -22.07 -12.56 7.46
CA ASP A 33 -23.42 -13.01 7.83
C ASP A 33 -23.40 -13.75 9.18
N ASP A 34 -23.80 -15.02 9.20
CA ASP A 34 -23.88 -15.75 10.47
C ASP A 34 -22.65 -16.59 10.77
N THR A 35 -21.61 -16.45 9.97
CA THR A 35 -20.41 -17.25 10.20
C THR A 35 -19.17 -16.44 10.52
N VAL A 36 -18.35 -16.98 11.38
CA VAL A 36 -17.06 -16.39 11.71
C VAL A 36 -16.02 -17.42 11.35
N TRP A 37 -15.11 -17.04 10.45
CA TRP A 37 -14.03 -17.92 9.99
C TRP A 37 -12.76 -17.57 10.73
N CYS A 38 -12.00 -18.57 11.13
CA CYS A 38 -10.69 -18.30 11.71
C CYS A 38 -9.81 -19.53 11.58
N PRO A 39 -8.48 -19.38 11.75
CA PRO A 39 -7.58 -20.55 11.69
C PRO A 39 -7.87 -21.59 12.78
N ARG A 40 -7.84 -22.85 12.39
CA ARG A 40 -8.18 -23.95 13.28
C ARG A 40 -7.11 -24.14 14.35
N HIS A 41 -5.93 -23.58 14.13
CA HIS A 41 -4.85 -23.72 15.11
C HIS A 41 -5.14 -22.91 16.37
N VAL A 42 -6.25 -22.20 16.36
CA VAL A 42 -6.73 -21.48 17.54
C VAL A 42 -7.11 -22.47 18.63
N MET A 43 -7.34 -23.72 18.23
CA MET A 43 -7.78 -24.73 19.18
C MET A 43 -6.62 -25.26 20.03
N CYS A 44 -5.55 -25.71 19.39
CA CYS A 44 -4.49 -26.42 20.11
C CYS A 44 -3.73 -25.55 21.12
N PRO A 45 -3.17 -26.19 22.15
CA PRO A 45 -2.38 -25.52 23.21
C PRO A 45 -0.90 -25.48 22.87
N ALA A 46 -0.16 -24.64 23.59
CA ALA A 46 1.25 -24.38 23.31
C ALA A 46 2.12 -25.60 22.97
N ASP A 47 2.08 -26.65 23.78
CA ASP A 47 3.02 -27.75 23.59
C ASP A 47 2.50 -28.88 22.69
N GLN A 48 1.59 -28.55 21.78
CA GLN A 48 1.17 -29.49 20.75
C GLN A 48 1.35 -28.85 19.38
N LEU A 49 1.89 -27.64 19.38
CA LEU A 49 2.11 -26.88 18.15
C LEU A 49 2.86 -27.66 17.08
N SER A 50 3.71 -28.59 17.50
CA SER A 50 4.51 -29.36 16.55
C SER A 50 3.76 -30.53 15.90
N ASP A 51 2.68 -30.98 16.54
CA ASP A 51 1.84 -32.05 15.98
C ASP A 51 0.52 -32.15 16.74
N PRO A 52 -0.52 -31.44 16.27
CA PRO A 52 -1.80 -31.24 16.98
C PRO A 52 -2.86 -32.36 16.98
N ASN A 53 -3.05 -33.06 15.86
CA ASN A 53 -4.22 -33.94 15.71
C ASN A 53 -5.50 -33.14 15.89
N TYR A 54 -5.85 -32.40 14.84
CA TYR A 54 -6.91 -31.41 14.93
C TYR A 54 -8.28 -32.05 15.06
N ASP A 55 -8.47 -33.24 14.49
CA ASP A 55 -9.75 -33.92 14.58
C ASP A 55 -10.11 -34.24 16.04
N ALA A 56 -9.16 -34.79 16.78
CA ALA A 56 -9.40 -35.10 18.18
C ALA A 56 -9.62 -33.80 18.95
N LEU A 57 -8.92 -32.74 18.53
CA LEU A 57 -9.11 -31.43 19.12
C LEU A 57 -10.54 -30.97 18.94
N LEU A 58 -11.06 -31.11 17.73
CA LEU A 58 -12.38 -30.60 17.43
C LEU A 58 -13.42 -31.23 18.36
N ILE A 59 -13.30 -32.53 18.57
CA ILE A 59 -14.24 -33.28 19.39
C ILE A 59 -14.32 -32.73 20.81
N SER A 60 -13.15 -32.46 21.40
CA SER A 60 -13.08 -31.99 22.79
C SER A 60 -13.72 -30.62 22.98
N MET A 61 -14.08 -29.99 21.87
CA MET A 61 -14.62 -28.63 21.89
C MET A 61 -16.13 -28.59 21.91
N THR A 62 -16.68 -27.53 22.51
CA THR A 62 -18.11 -27.25 22.45
C THR A 62 -18.27 -25.82 21.98
N ASN A 63 -19.51 -25.37 21.80
CA ASN A 63 -19.75 -24.00 21.39
C ASN A 63 -19.26 -23.01 22.44
N HIS A 64 -19.20 -23.47 23.68
CA HIS A 64 -18.75 -22.66 24.80
C HIS A 64 -17.24 -22.46 24.82
N SER A 65 -16.52 -23.37 24.16
CA SER A 65 -15.07 -23.30 24.08
C SER A 65 -14.56 -22.04 23.35
N PHE A 66 -15.35 -21.53 22.42
CA PHE A 66 -14.91 -20.36 21.64
C PHE A 66 -15.59 -19.12 22.13
N SER A 67 -14.82 -18.03 22.17
CA SER A 67 -15.36 -16.75 22.53
C SER A 67 -15.11 -15.79 21.36
N VAL A 68 -16.16 -15.14 20.90
CA VAL A 68 -16.04 -14.21 19.79
C VAL A 68 -16.41 -12.82 20.22
N GLN A 69 -15.55 -11.85 19.92
CA GLN A 69 -15.79 -10.48 20.29
C GLN A 69 -15.55 -9.46 19.15
N LYS A 70 -16.41 -8.46 19.07
CA LYS A 70 -16.15 -7.32 18.20
C LYS A 70 -15.44 -6.20 19.00
N HIS A 71 -14.15 -6.01 18.73
CA HIS A 71 -13.34 -5.02 19.46
C HIS A 71 -13.24 -3.66 18.74
N ALA A 76 -20.34 -5.59 19.11
CA ALA A 76 -20.98 -6.19 20.27
C ALA A 76 -20.20 -7.39 20.87
N ASN A 77 -20.97 -8.32 21.43
CA ASN A 77 -20.45 -9.60 21.88
C ASN A 77 -21.21 -10.63 21.03
N LEU A 78 -20.57 -11.73 20.68
CA LEU A 78 -21.23 -12.71 19.81
C LEU A 78 -21.29 -14.10 20.44
N ARG A 79 -22.47 -14.71 20.40
CA ARG A 79 -22.67 -16.07 20.91
C ARG A 79 -22.43 -17.10 19.81
N VAL A 80 -21.45 -17.97 19.97
CA VAL A 80 -21.30 -19.00 18.96
C VAL A 80 -22.27 -20.16 19.23
N VAL A 81 -22.98 -20.58 18.20
CA VAL A 81 -24.03 -21.58 18.35
C VAL A 81 -23.77 -22.79 17.46
N GLY A 82 -22.55 -22.89 16.95
CA GLY A 82 -22.15 -23.99 16.10
C GLY A 82 -20.68 -23.89 15.76
N HIS A 83 -20.04 -25.02 15.58
CA HIS A 83 -18.64 -25.04 15.19
C HIS A 83 -18.42 -26.21 14.25
N ALA A 84 -17.64 -25.96 13.21
CA ALA A 84 -17.25 -26.99 12.24
C ALA A 84 -15.84 -26.73 11.75
N MET A 85 -15.20 -27.77 11.23
CA MET A 85 -13.84 -27.65 10.75
C MET A 85 -13.83 -27.89 9.25
N GLN A 86 -13.27 -26.95 8.50
CA GLN A 86 -13.21 -27.10 7.07
C GLN A 86 -11.75 -26.96 6.64
N GLY A 87 -11.09 -28.09 6.40
CA GLY A 87 -9.67 -28.09 6.10
C GLY A 87 -8.91 -27.45 7.26
N THR A 88 -8.17 -26.38 6.96
CA THR A 88 -7.37 -25.71 7.97
C THR A 88 -8.06 -24.54 8.65
N LEU A 89 -9.36 -24.39 8.42
CA LEU A 89 -10.11 -23.31 9.05
C LEU A 89 -11.23 -23.83 9.94
N LEU A 90 -11.64 -23.00 10.91
CA LEU A 90 -12.88 -23.20 11.65
C LEU A 90 -13.99 -22.38 11.02
N LYS A 91 -15.15 -23.00 10.85
CA LYS A 91 -16.35 -22.30 10.48
C LYS A 91 -17.27 -22.25 11.71
N LEU A 92 -17.28 -21.11 12.38
CA LEU A 92 -18.09 -20.92 13.58
C LEU A 92 -19.41 -20.30 13.16
N THR A 93 -20.53 -20.77 13.69
CA THR A 93 -21.74 -19.98 13.47
C THR A 93 -22.20 -19.26 14.73
N VAL A 94 -22.61 -18.02 14.54
CA VAL A 94 -22.93 -17.14 15.66
C VAL A 94 -24.35 -16.67 15.47
N ASP A 95 -24.98 -16.20 16.54
CA ASP A 95 -26.42 -15.94 16.51
C ASP A 95 -26.80 -14.61 15.94
N VAL A 96 -25.81 -13.81 15.53
CA VAL A 96 -26.10 -12.52 14.94
C VAL A 96 -25.48 -12.40 13.57
N ALA A 97 -26.28 -11.97 12.60
CA ALA A 97 -25.83 -11.78 11.23
C ALA A 97 -25.12 -10.43 11.08
N ASN A 98 -23.87 -10.43 10.61
CA ASN A 98 -23.15 -9.17 10.46
C ASN A 98 -23.92 -8.16 9.62
N PRO A 99 -24.40 -7.09 10.27
CA PRO A 99 -25.18 -6.01 9.60
C PRO A 99 -24.43 -5.33 8.44
N SER A 100 -23.11 -5.38 8.44
CA SER A 100 -22.39 -4.82 7.30
C SER A 100 -21.51 -5.85 6.62
N THR A 101 -22.11 -6.99 6.26
CA THR A 101 -21.48 -7.98 5.42
C THR A 101 -21.51 -7.42 4.00
N PRO A 102 -20.36 -7.36 3.32
CA PRO A 102 -20.32 -6.88 1.94
C PRO A 102 -20.71 -8.00 0.99
N ALA A 103 -21.13 -7.68 -0.23
CA ALA A 103 -21.28 -8.75 -1.22
C ALA A 103 -19.90 -9.43 -1.34
N TYR A 104 -19.87 -10.77 -1.40
CA TYR A 104 -18.60 -11.47 -1.38
C TYR A 104 -18.61 -12.82 -2.10
N THR A 105 -17.41 -13.31 -2.48
CA THR A 105 -17.20 -14.69 -2.91
C THR A 105 -15.92 -15.22 -2.25
N PHE A 106 -15.71 -16.53 -2.38
CA PHE A 106 -14.45 -17.15 -1.99
C PHE A 106 -13.79 -17.63 -3.29
N THR A 107 -12.56 -17.18 -3.54
CA THR A 107 -11.89 -17.59 -4.75
C THR A 107 -10.42 -17.74 -4.42
N THR A 108 -9.78 -18.80 -4.91
CA THR A 108 -8.38 -18.99 -4.62
C THR A 108 -7.52 -18.32 -5.69
N VAL A 109 -6.54 -17.52 -5.26
CA VAL A 109 -5.67 -16.76 -6.16
C VAL A 109 -4.54 -17.59 -6.73
N LYS A 110 -4.16 -17.32 -7.97
CA LYS A 110 -3.06 -18.02 -8.65
C LYS A 110 -1.74 -17.27 -8.51
N PRO A 111 -0.61 -18.00 -8.64
CA PRO A 111 0.69 -17.33 -8.63
C PRO A 111 0.71 -16.15 -9.60
N GLY A 112 1.36 -15.05 -9.21
CA GLY A 112 1.40 -13.85 -10.01
C GLY A 112 0.27 -12.86 -9.75
N ALA A 113 -0.87 -13.33 -9.28
CA ALA A 113 -2.01 -12.45 -9.00
C ALA A 113 -1.83 -11.66 -7.71
N ALA A 114 -2.24 -10.39 -7.74
CA ALA A 114 -2.12 -9.49 -6.59
C ALA A 114 -3.42 -9.43 -5.77
N PHE A 115 -3.26 -9.17 -4.47
CA PHE A 115 -4.42 -8.94 -3.63
C PHE A 115 -4.04 -8.07 -2.43
N SER A 116 -5.06 -7.49 -1.82
CA SER A 116 -4.92 -6.59 -0.69
C SER A 116 -5.10 -7.32 0.62
N VAL A 117 -4.31 -6.95 1.61
CA VAL A 117 -4.30 -7.63 2.87
C VAL A 117 -4.60 -6.66 3.98
N LEU A 118 -5.47 -7.06 4.90
CA LEU A 118 -5.78 -6.25 6.08
C LEU A 118 -5.07 -6.89 7.28
N ALA A 119 -3.97 -6.31 7.71
CA ALA A 119 -3.28 -6.87 8.85
C ALA A 119 -4.06 -6.46 10.09
N CYS A 120 -4.25 -7.42 10.98
CA CYS A 120 -5.07 -7.22 12.18
C CYS A 120 -4.44 -7.86 13.39
N TYR A 121 -4.61 -7.21 14.53
CA TYR A 121 -4.19 -7.80 15.79
C TYR A 121 -5.29 -7.66 16.85
N ASN A 122 -5.66 -8.77 17.49
CA ASN A 122 -6.74 -8.74 18.47
C ASN A 122 -8.03 -8.19 17.90
N GLY A 123 -8.31 -8.51 16.63
CA GLY A 123 -9.51 -8.05 15.97
C GLY A 123 -9.50 -6.57 15.61
N ARG A 124 -8.35 -5.92 15.75
CA ARG A 124 -8.23 -4.53 15.37
C ARG A 124 -7.46 -4.36 14.06
N PRO A 125 -8.12 -3.85 13.01
CA PRO A 125 -7.38 -3.59 11.78
C PRO A 125 -6.33 -2.53 12.04
N THR A 126 -5.09 -2.84 11.67
CA THR A 126 -3.96 -1.96 11.95
C THR A 126 -3.26 -1.50 10.67
N GLY A 127 -3.62 -2.06 9.52
CA GLY A 127 -3.03 -1.59 8.25
C GLY A 127 -3.24 -2.50 7.05
N THR A 128 -3.17 -1.93 5.85
CA THR A 128 -3.22 -2.66 4.58
C THR A 128 -1.93 -2.60 3.76
N PHE A 129 -1.70 -3.66 3.00
CA PHE A 129 -0.66 -3.68 1.96
C PHE A 129 -1.12 -4.64 0.87
N THR A 130 -0.51 -4.54 -0.30
CA THR A 130 -0.78 -5.47 -1.39
C THR A 130 0.39 -6.40 -1.56
N VAL A 131 0.07 -7.61 -1.99
CA VAL A 131 1.09 -8.60 -2.25
C VAL A 131 0.74 -9.42 -3.49
N VAL A 132 1.72 -10.12 -4.02
CA VAL A 132 1.47 -11.03 -5.12
C VAL A 132 1.67 -12.45 -4.63
N MET A 133 0.77 -13.35 -5.02
CA MET A 133 0.97 -14.76 -4.67
C MET A 133 2.21 -15.24 -5.42
N ARG A 134 3.22 -15.71 -4.70
CA ARG A 134 4.48 -16.15 -5.32
C ARG A 134 4.27 -17.43 -6.09
N PRO A 135 5.09 -17.64 -7.14
CA PRO A 135 5.08 -18.93 -7.85
C PRO A 135 5.32 -20.11 -6.90
N ASN A 136 5.97 -19.90 -5.76
CA ASN A 136 6.06 -20.96 -4.76
C ASN A 136 4.99 -20.93 -3.65
N TYR A 137 3.85 -20.28 -3.92
CA TYR A 137 2.70 -20.31 -3.00
C TYR A 137 3.00 -19.85 -1.59
N THR A 138 3.85 -18.85 -1.48
CA THR A 138 4.05 -18.13 -0.24
C THR A 138 3.80 -16.68 -0.58
N ILE A 139 3.87 -15.83 0.43
CA ILE A 139 3.66 -14.41 0.26
C ILE A 139 4.71 -13.66 1.06
N LYS A 140 5.18 -12.54 0.52
CA LYS A 140 6.14 -11.73 1.22
C LYS A 140 5.40 -10.63 1.97
N GLY A 141 5.03 -10.89 3.21
CA GLY A 141 4.19 -9.93 3.92
C GLY A 141 4.83 -9.27 5.12
N SER A 142 3.98 -8.72 5.97
CA SER A 142 4.41 -8.10 7.21
C SER A 142 3.44 -8.58 8.27
N PHE A 143 3.81 -9.66 8.96
CA PHE A 143 2.93 -10.30 9.91
C PHE A 143 3.69 -10.61 11.19
N LEU A 144 3.15 -10.20 12.32
CA LEU A 144 3.77 -10.50 13.59
C LEU A 144 2.89 -11.44 14.42
N CYS A 145 3.46 -11.97 15.49
CA CYS A 145 2.68 -12.69 16.48
C CYS A 145 1.38 -11.92 16.78
N GLY A 146 0.25 -12.61 16.72
CA GLY A 146 -1.05 -11.97 16.92
C GLY A 146 -1.77 -11.72 15.61
N SER A 147 -1.10 -12.07 14.52
CA SER A 147 -1.51 -11.69 13.18
C SER A 147 -2.53 -12.63 12.55
N CYS A 148 -2.53 -13.88 12.99
CA CYS A 148 -3.29 -14.91 12.30
C CYS A 148 -4.77 -14.57 12.20
N GLY A 149 -5.40 -15.00 11.10
CA GLY A 149 -6.77 -14.65 10.85
C GLY A 149 -6.91 -13.40 10.02
N SER A 150 -5.82 -12.66 9.86
CA SER A 150 -5.79 -11.52 8.95
C SER A 150 -6.20 -11.97 7.55
N VAL A 151 -6.79 -11.06 6.81
CA VAL A 151 -7.53 -11.43 5.63
C VAL A 151 -7.00 -10.73 4.38
N GLY A 152 -6.97 -11.46 3.28
CA GLY A 152 -6.58 -10.95 1.97
C GLY A 152 -7.72 -11.12 1.00
N TYR A 153 -7.84 -10.21 0.03
CA TYR A 153 -9.01 -10.14 -0.84
C TYR A 153 -8.74 -9.31 -2.10
N THR A 154 -9.49 -9.59 -3.16
CA THR A 154 -9.56 -8.69 -4.31
C THR A 154 -10.95 -8.10 -4.31
N LYS A 155 -11.25 -7.28 -5.32
CA LYS A 155 -12.54 -6.63 -5.39
C LYS A 155 -12.94 -6.44 -6.83
N GLU A 156 -14.21 -6.69 -7.12
CA GLU A 156 -14.72 -6.55 -8.47
C GLU A 156 -16.10 -5.94 -8.42
N GLY A 157 -16.20 -4.71 -8.91
CA GLY A 157 -17.40 -3.91 -8.76
C GLY A 157 -17.67 -3.81 -7.28
N SER A 158 -18.84 -4.28 -6.84
CA SER A 158 -19.16 -4.23 -5.42
C SER A 158 -18.74 -5.48 -4.65
N VAL A 159 -18.37 -6.53 -5.37
CA VAL A 159 -18.09 -7.84 -4.77
C VAL A 159 -16.66 -8.03 -4.25
N ILE A 160 -16.52 -8.24 -2.95
CA ILE A 160 -15.24 -8.60 -2.37
C ILE A 160 -14.97 -10.11 -2.52
N ASN A 161 -13.87 -10.45 -3.17
CA ASN A 161 -13.45 -11.85 -3.29
C ASN A 161 -12.39 -12.18 -2.24
N PHE A 162 -12.80 -12.90 -1.19
CA PHE A 162 -11.85 -13.31 -0.14
C PHE A 162 -10.99 -14.47 -0.58
N CYS A 163 -9.67 -14.31 -0.50
CA CYS A 163 -8.77 -15.31 -1.07
C CYS A 163 -7.72 -15.80 -0.10
N TYR A 164 -7.60 -15.16 1.06
CA TYR A 164 -6.48 -15.46 1.93
C TYR A 164 -6.77 -15.20 3.39
N MET A 165 -6.43 -16.17 4.23
CA MET A 165 -6.47 -15.99 5.66
C MET A 165 -5.14 -16.41 6.25
N HIS A 166 -4.48 -15.48 6.90
CA HIS A 166 -3.10 -15.68 7.30
C HIS A 166 -2.94 -16.74 8.38
N GLN A 167 -1.91 -17.56 8.23
CA GLN A 167 -1.71 -18.70 9.09
C GLN A 167 -0.32 -18.81 9.73
N MET A 168 0.73 -18.49 8.98
CA MET A 168 2.09 -18.84 9.47
C MET A 168 3.28 -18.21 8.75
N GLU A 169 4.43 -18.20 9.43
CA GLU A 169 5.66 -17.70 8.85
C GLU A 169 6.63 -18.87 8.64
N LEU A 170 6.99 -19.14 7.39
CA LEU A 170 7.75 -20.34 7.04
C LEU A 170 9.26 -20.13 7.27
N ALA A 171 9.66 -18.88 7.26
CA ALA A 171 11.04 -18.46 7.39
C ALA A 171 11.02 -16.95 7.32
N ASN A 172 12.15 -16.32 7.68
CA ASN A 172 12.21 -14.87 7.75
C ASN A 172 11.44 -14.23 6.59
N GLY A 173 10.50 -13.35 6.93
CA GLY A 173 9.74 -12.57 5.98
C GLY A 173 8.98 -13.33 4.91
N THR A 174 8.71 -14.62 5.13
CA THR A 174 8.01 -15.43 4.14
C THR A 174 6.80 -16.18 4.72
N HIS A 175 5.62 -15.90 4.17
CA HIS A 175 4.36 -16.27 4.82
C HIS A 175 3.42 -17.14 3.97
N THR A 176 2.45 -17.75 4.64
CA THR A 176 1.41 -18.43 3.92
C THR A 176 0.13 -18.52 4.74
N GLY A 177 -0.93 -18.99 4.11
CA GLY A 177 -2.25 -18.93 4.67
C GLY A 177 -3.17 -19.83 3.88
N SER A 178 -4.45 -19.85 4.26
CA SER A 178 -5.38 -20.68 3.53
C SER A 178 -6.32 -19.88 2.64
N ALA A 179 -6.84 -20.52 1.60
CA ALA A 179 -8.00 -20.03 0.87
C ALA A 179 -9.23 -20.40 1.71
N PHE A 180 -10.38 -19.83 1.40
CA PHE A 180 -11.56 -20.02 2.27
C PHE A 180 -12.30 -21.32 2.00
N ASP A 181 -11.74 -22.16 1.14
CA ASP A 181 -12.22 -23.54 1.04
C ASP A 181 -11.51 -24.38 2.09
N GLY A 182 -10.62 -23.75 2.85
CA GLY A 182 -9.89 -24.43 3.90
C GLY A 182 -8.54 -25.00 3.50
N THR A 183 -8.27 -25.10 2.20
CA THR A 183 -6.97 -25.58 1.74
C THR A 183 -5.89 -24.55 2.01
N MET A 184 -4.68 -25.02 2.27
CA MET A 184 -3.53 -24.15 2.50
C MET A 184 -2.81 -23.91 1.17
N TYR A 185 -2.28 -22.70 1.01
CA TYR A 185 -1.49 -22.35 -0.16
C TYR A 185 -0.10 -22.90 0.13
N GLY A 186 0.56 -23.46 -0.87
CA GLY A 186 0.22 -24.75 -1.42
C GLY A 186 0.72 -25.93 -0.59
N ALA A 187 -0.23 -26.71 -0.10
CA ALA A 187 0.01 -27.92 0.71
C ALA A 187 0.76 -27.79 2.04
N PHE A 188 1.17 -26.59 2.44
CA PHE A 188 1.86 -26.47 3.72
C PHE A 188 0.94 -26.91 4.86
N MET A 189 1.52 -27.50 5.89
CA MET A 189 0.75 -27.99 7.02
C MET A 189 0.81 -26.99 8.16
N ASP A 190 -0.31 -26.82 8.86
CA ASP A 190 -0.35 -25.93 10.01
C ASP A 190 0.13 -26.61 11.31
N LYS A 191 1.41 -26.97 11.31
CA LYS A 191 2.12 -27.47 12.48
C LYS A 191 3.52 -26.86 12.44
N GLN A 192 4.18 -26.74 13.59
CA GLN A 192 5.44 -26.00 13.63
C GLN A 192 6.68 -26.82 13.32
N VAL A 193 6.57 -27.77 12.39
CA VAL A 193 7.75 -28.48 11.92
C VAL A 193 8.46 -27.63 10.87
N HIS A 194 9.72 -27.94 10.61
CA HIS A 194 10.42 -27.27 9.52
C HIS A 194 9.81 -27.73 8.21
N GLN A 195 9.51 -26.79 7.31
CA GLN A 195 8.95 -27.15 6.01
C GLN A 195 9.67 -26.47 4.85
N VAL A 196 10.08 -27.28 3.87
CA VAL A 196 10.79 -26.78 2.71
C VAL A 196 9.84 -26.15 1.69
N GLN A 197 10.17 -24.95 1.22
CA GLN A 197 9.39 -24.27 0.18
C GLN A 197 10.04 -24.46 -1.19
N LEU A 198 9.22 -24.53 -2.24
CA LEU A 198 9.72 -24.53 -3.61
C LEU A 198 10.49 -23.24 -3.88
N THR A 199 11.33 -23.28 -4.89
CA THR A 199 12.09 -22.09 -5.28
C THR A 199 11.14 -21.05 -5.92
N ASP A 200 11.17 -19.85 -5.37
CA ASP A 200 10.42 -18.71 -5.91
C ASP A 200 10.91 -18.43 -7.35
N LYS A 201 10.13 -17.68 -8.12
CA LYS A 201 10.48 -17.41 -9.52
C LYS A 201 9.93 -16.06 -9.95
N TYR A 202 10.57 -15.46 -10.96
CA TYR A 202 10.03 -14.22 -11.54
C TYR A 202 8.73 -14.50 -12.23
N CYS A 203 7.73 -13.63 -12.02
CA CYS A 203 6.46 -13.77 -12.72
C CYS A 203 6.55 -13.07 -14.09
N SER A 204 6.74 -13.87 -15.12
CA SER A 204 6.97 -13.36 -16.48
C SER A 204 5.94 -12.35 -16.94
N VAL A 205 4.66 -12.69 -16.79
CA VAL A 205 3.61 -11.80 -17.26
C VAL A 205 3.70 -10.46 -16.54
N ASN A 206 4.12 -10.45 -15.28
CA ASN A 206 4.18 -9.21 -14.52
C ASN A 206 5.38 -8.38 -14.89
N VAL A 207 6.50 -9.05 -15.08
CA VAL A 207 7.68 -8.35 -15.59
C VAL A 207 7.40 -7.68 -16.94
N VAL A 208 6.70 -8.39 -17.83
CA VAL A 208 6.30 -7.82 -19.13
C VAL A 208 5.46 -6.57 -18.90
N ALA A 209 4.53 -6.63 -17.95
CA ALA A 209 3.66 -5.48 -17.64
C ALA A 209 4.52 -4.32 -17.21
N TRP A 210 5.48 -4.62 -16.36
CA TRP A 210 6.32 -3.57 -15.81
C TRP A 210 7.11 -2.89 -16.94
N LEU A 211 7.63 -3.68 -17.87
CA LEU A 211 8.34 -3.11 -19.01
C LEU A 211 7.43 -2.23 -19.88
N TYR A 212 6.18 -2.64 -20.07
CA TYR A 212 5.22 -1.78 -20.77
C TYR A 212 5.00 -0.48 -20.00
N ALA A 213 4.97 -0.58 -18.66
CA ALA A 213 4.92 0.61 -17.81
C ALA A 213 6.09 1.54 -18.13
N ALA A 214 7.29 0.97 -18.25
CA ALA A 214 8.45 1.77 -18.57
C ALA A 214 8.24 2.48 -19.92
N ILE A 215 7.80 1.72 -20.92
CA ILE A 215 7.64 2.29 -22.25
C ILE A 215 6.67 3.46 -22.21
N LEU A 216 5.53 3.29 -21.54
CA LEU A 216 4.53 4.35 -21.37
C LEU A 216 5.11 5.61 -20.69
N ASN A 217 6.09 5.43 -19.83
CA ASN A 217 6.78 6.56 -19.20
C ASN A 217 7.97 7.12 -20.00
N GLY A 218 8.12 6.71 -21.25
CA GLY A 218 9.25 7.17 -22.07
C GLY A 218 10.59 6.50 -21.80
N CYS A 219 10.59 5.49 -20.94
CA CYS A 219 11.81 4.72 -20.68
C CYS A 219 11.81 3.43 -21.52
N ALA A 220 12.47 3.49 -22.67
CA ALA A 220 12.36 2.43 -23.67
C ALA A 220 13.70 2.05 -24.28
N TRP A 221 14.79 2.35 -23.59
CA TRP A 221 16.14 2.06 -24.11
C TRP A 221 16.35 0.56 -24.34
N PHE A 222 15.66 -0.28 -23.57
CA PHE A 222 15.84 -1.73 -23.63
C PHE A 222 15.05 -2.38 -24.76
N VAL A 223 14.26 -1.59 -25.48
CA VAL A 223 13.47 -2.15 -26.57
C VAL A 223 14.29 -2.25 -27.85
N LYS A 224 14.36 -3.47 -28.40
CA LYS A 224 14.98 -3.72 -29.68
C LYS A 224 14.00 -4.37 -30.65
N PRO A 225 14.32 -4.36 -31.96
CA PRO A 225 13.50 -5.07 -32.94
C PRO A 225 13.47 -6.59 -32.65
N ASN A 226 14.52 -7.10 -32.02
CA ASN A 226 14.63 -8.53 -31.77
C ASN A 226 13.45 -9.07 -30.96
N ARG A 227 13.01 -10.28 -31.30
CA ARG A 227 11.89 -10.93 -30.66
C ARG A 227 12.26 -12.33 -30.22
N THR A 228 11.58 -12.79 -29.18
CA THR A 228 11.58 -14.19 -28.80
C THR A 228 10.13 -14.64 -28.71
N SER A 229 9.77 -15.71 -29.40
CA SER A 229 8.39 -16.20 -29.40
C SER A 229 7.96 -16.65 -28.00
N VAL A 230 6.65 -16.70 -27.76
CA VAL A 230 6.13 -17.19 -26.47
C VAL A 230 6.65 -18.59 -26.16
N VAL A 231 6.64 -19.46 -27.18
CA VAL A 231 7.06 -20.85 -27.01
C VAL A 231 8.54 -21.04 -26.69
N SER A 232 9.43 -20.33 -27.41
CA SER A 232 10.84 -20.35 -27.05
C SER A 232 11.12 -19.67 -25.72
N PHE A 233 10.45 -18.56 -25.42
CA PHE A 233 10.65 -17.95 -24.10
C PHE A 233 10.28 -18.93 -22.96
N ASN A 234 9.16 -19.63 -23.11
CA ASN A 234 8.74 -20.55 -22.06
C ASN A 234 9.73 -21.69 -21.85
N GLU A 235 10.38 -22.15 -22.92
CA GLU A 235 11.40 -23.16 -22.76
C GLU A 235 12.62 -22.60 -22.05
N TRP A 236 12.94 -21.35 -22.36
CA TRP A 236 14.00 -20.60 -21.67
C TRP A 236 13.63 -20.33 -20.20
N ALA A 237 12.38 -19.92 -19.95
CA ALA A 237 11.89 -19.68 -18.58
C ALA A 237 12.18 -20.85 -17.63
N LEU A 238 11.82 -22.07 -18.06
CA LEU A 238 12.09 -23.29 -17.28
C LEU A 238 13.51 -23.36 -16.73
N ALA A 239 14.50 -23.02 -17.56
CA ALA A 239 15.90 -23.10 -17.15
C ALA A 239 16.43 -21.85 -16.44
N ASN A 240 15.59 -20.83 -16.30
CA ASN A 240 16.08 -19.57 -15.76
C ASN A 240 15.24 -18.93 -14.65
N GLN A 241 14.45 -19.75 -13.94
CA GLN A 241 13.60 -19.26 -12.84
C GLN A 241 12.63 -18.16 -13.26
N PHE A 242 11.91 -18.40 -14.34
CA PHE A 242 10.80 -17.54 -14.71
C PHE A 242 9.62 -18.47 -14.88
N THR A 243 8.44 -17.96 -14.58
CA THR A 243 7.22 -18.67 -14.83
C THR A 243 6.92 -18.68 -16.32
N GLU A 244 6.12 -19.65 -16.73
CA GLU A 244 5.60 -19.72 -18.08
C GLU A 244 4.79 -18.48 -18.39
N PHE A 245 5.04 -17.85 -19.54
CA PHE A 245 4.29 -16.68 -19.92
C PHE A 245 2.98 -17.11 -20.56
N VAL A 246 1.87 -16.52 -20.11
CA VAL A 246 0.54 -16.73 -20.66
C VAL A 246 -0.08 -15.35 -20.91
N GLY A 247 -0.43 -15.04 -22.15
CA GLY A 247 -0.90 -13.72 -22.49
C GLY A 247 -2.33 -13.55 -22.03
N THR A 248 -2.75 -12.30 -21.82
CA THR A 248 -4.12 -12.00 -21.48
C THR A 248 -4.55 -10.77 -22.26
N GLN A 249 -5.84 -10.49 -22.27
CA GLN A 249 -6.34 -9.30 -22.94
C GLN A 249 -5.74 -8.00 -22.36
N SER A 250 -5.43 -7.98 -21.06
CA SER A 250 -4.88 -6.76 -20.48
C SER A 250 -3.45 -6.51 -20.95
N VAL A 251 -2.67 -7.57 -21.10
CA VAL A 251 -1.36 -7.41 -21.74
C VAL A 251 -1.54 -6.96 -23.18
N ASP A 252 -2.49 -7.57 -23.88
CA ASP A 252 -2.69 -7.28 -25.30
C ASP A 252 -3.00 -5.81 -25.49
N MET A 253 -3.67 -5.25 -24.50
CA MET A 253 -4.03 -3.85 -24.46
C MET A 253 -2.79 -3.00 -24.43
N LEU A 254 -1.84 -3.39 -23.57
CA LEU A 254 -0.58 -2.67 -23.43
C LEU A 254 0.22 -2.73 -24.75
N ALA A 255 0.25 -3.90 -25.38
CA ALA A 255 0.94 -4.05 -26.65
C ALA A 255 0.36 -3.13 -27.71
N VAL A 256 -0.96 -3.00 -27.72
CA VAL A 256 -1.61 -2.16 -28.73
C VAL A 256 -1.36 -0.67 -28.50
N LYS A 257 -1.42 -0.24 -27.24
CA LYS A 257 -1.24 1.17 -26.92
C LYS A 257 0.20 1.61 -27.18
N THR A 258 1.17 0.74 -26.91
CA THR A 258 2.56 1.14 -27.10
C THR A 258 3.12 0.83 -28.50
N GLY A 259 2.46 -0.08 -29.22
CA GLY A 259 3.01 -0.62 -30.47
C GLY A 259 4.24 -1.50 -30.32
N VAL A 260 4.55 -1.91 -29.10
CA VAL A 260 5.66 -2.82 -28.85
C VAL A 260 5.10 -4.21 -28.60
N ALA A 261 5.58 -5.19 -29.37
CA ALA A 261 5.03 -6.53 -29.30
C ALA A 261 5.51 -7.22 -28.04
N ILE A 262 4.67 -8.11 -27.54
CA ILE A 262 5.00 -8.95 -26.40
C ILE A 262 6.35 -9.62 -26.61
N GLU A 263 6.58 -10.18 -27.79
CA GLU A 263 7.80 -10.96 -27.98
C GLU A 263 9.10 -10.12 -28.07
N GLN A 264 8.97 -8.83 -28.34
CA GLN A 264 10.11 -7.91 -28.17
C GLN A 264 10.45 -7.77 -26.70
N LEU A 265 9.44 -7.75 -25.82
CA LEU A 265 9.72 -7.65 -24.38
C LEU A 265 10.18 -9.00 -23.81
N LEU A 266 9.73 -10.10 -24.41
CA LEU A 266 10.26 -11.42 -24.04
C LEU A 266 11.77 -11.50 -24.30
N TYR A 267 12.19 -10.97 -25.44
CA TYR A 267 13.61 -10.93 -25.80
C TYR A 267 14.34 -10.03 -24.80
N ALA A 268 13.78 -8.84 -24.58
CA ALA A 268 14.42 -7.89 -23.68
C ALA A 268 14.57 -8.47 -22.27
N ILE A 269 13.61 -9.29 -21.83
CA ILE A 269 13.71 -9.98 -20.55
C ILE A 269 14.96 -10.87 -20.52
N GLN A 270 15.12 -11.68 -21.55
CA GLN A 270 16.27 -12.58 -21.64
C GLN A 270 17.60 -11.84 -21.47
N GLN A 271 17.69 -10.67 -22.10
CA GLN A 271 18.90 -9.84 -22.05
C GLN A 271 19.08 -9.15 -20.69
N LEU A 272 18.02 -8.50 -20.20
CA LEU A 272 18.08 -7.75 -18.94
C LEU A 272 18.35 -8.65 -17.74
N TYR A 273 17.95 -9.91 -17.85
CA TYR A 273 18.10 -10.83 -16.73
C TYR A 273 19.58 -11.09 -16.45
N THR A 274 20.38 -11.08 -17.51
CA THR A 274 21.83 -11.27 -17.38
C THR A 274 22.55 -10.02 -16.84
N GLY A 275 21.89 -8.87 -16.92
CA GLY A 275 22.46 -7.64 -16.37
C GLY A 275 21.88 -6.38 -16.97
N PHE A 276 21.67 -5.35 -16.15
CA PHE A 276 21.17 -4.08 -16.64
C PHE A 276 22.32 -3.24 -17.22
N GLN A 277 23.54 -3.72 -17.03
CA GLN A 277 24.74 -3.07 -17.55
C GLN A 277 24.79 -1.57 -17.26
N GLY A 278 24.76 -1.22 -15.98
CA GLY A 278 24.87 0.16 -15.58
C GLY A 278 23.61 1.02 -15.64
N LYS A 279 22.58 0.59 -16.37
CA LYS A 279 21.41 1.44 -16.57
C LYS A 279 20.26 1.15 -15.60
N GLN A 280 19.27 2.04 -15.57
CA GLN A 280 18.12 1.87 -14.70
C GLN A 280 16.85 1.82 -15.54
N ILE A 281 15.81 1.22 -14.96
CA ILE A 281 14.48 1.23 -15.54
C ILE A 281 13.47 1.54 -14.43
N LEU A 282 12.93 2.75 -14.45
CA LEU A 282 11.82 3.12 -13.57
C LEU A 282 11.94 3.04 -12.03
N GLY A 283 13.04 3.42 -11.40
CA GLY A 283 14.38 3.40 -11.90
C GLY A 283 15.00 2.41 -10.92
N SER A 284 14.96 1.13 -11.30
CA SER A 284 15.59 0.09 -10.51
C SER A 284 16.70 -0.53 -11.33
N THR A 285 17.52 -1.36 -10.69
CA THR A 285 18.61 -2.04 -11.37
C THR A 285 18.32 -3.52 -11.56
N MET A 286 17.09 -3.93 -11.27
CA MET A 286 16.66 -5.32 -11.47
C MET A 286 15.21 -5.38 -11.92
N LEU A 287 14.80 -6.52 -12.44
CA LEU A 287 13.44 -6.68 -12.92
C LEU A 287 12.39 -6.61 -11.79
N GLU A 288 11.28 -5.92 -12.06
CA GLU A 288 10.16 -5.84 -11.11
C GLU A 288 9.07 -6.79 -11.56
N ASP A 289 8.64 -7.69 -10.69
CA ASP A 289 7.54 -8.57 -11.03
C ASP A 289 6.33 -8.50 -10.07
N GLU A 290 6.22 -7.43 -9.27
CA GLU A 290 5.09 -7.33 -8.35
C GLU A 290 4.00 -6.33 -8.82
N PHE A 291 4.05 -5.94 -10.09
CA PHE A 291 2.95 -5.22 -10.70
C PHE A 291 2.35 -6.05 -11.82
N THR A 292 1.03 -6.21 -11.80
CA THR A 292 0.35 -7.03 -12.78
C THR A 292 -0.01 -6.20 -14.01
N PRO A 293 -0.39 -6.87 -15.09
CA PRO A 293 -0.88 -6.15 -16.26
C PRO A 293 -2.09 -5.29 -15.92
N GLU A 294 -3.00 -5.78 -15.09
CA GLU A 294 -4.15 -4.94 -14.70
C GLU A 294 -3.76 -3.73 -13.82
N ASP A 295 -2.76 -3.87 -12.96
CA ASP A 295 -2.22 -2.70 -12.26
C ASP A 295 -1.82 -1.64 -13.27
N VAL A 296 -1.04 -2.07 -14.26
CA VAL A 296 -0.45 -1.12 -15.19
C VAL A 296 -1.55 -0.46 -15.99
N ASN A 297 -2.52 -1.26 -16.42
CA ASN A 297 -3.65 -0.73 -17.16
C ASN A 297 -4.43 0.29 -16.36
N MET A 298 -4.62 -0.01 -15.09
CA MET A 298 -5.39 0.83 -14.20
C MET A 298 -4.64 2.10 -13.82
N GLN A 299 -3.49 1.94 -13.16
CA GLN A 299 -2.77 3.08 -12.59
C GLN A 299 -2.25 4.06 -13.63
N ILE A 300 -1.95 3.58 -14.84
CA ILE A 300 -1.35 4.45 -15.86
C ILE A 300 -2.31 4.86 -16.97
N MET A 301 -3.14 3.92 -17.43
CA MET A 301 -4.10 4.20 -18.49
C MET A 301 -5.54 4.25 -17.96
N GLY A 302 -6.51 4.31 -18.87
CA GLY A 302 -7.90 4.07 -18.49
C GLY A 302 -7.94 3.49 -17.09
N VAL A 303 -8.06 2.16 -16.94
CA VAL A 303 -8.56 1.21 -17.93
C VAL A 303 -8.83 -0.06 -17.13
N SER B 1 12.47 -10.53 3.85
CA SER B 1 12.62 -9.10 4.17
C SER B 1 11.81 -8.64 5.39
N GLY B 2 10.49 -8.81 5.32
CA GLY B 2 9.62 -8.41 6.43
C GLY B 2 9.05 -7.00 6.31
N LEU B 3 9.59 -6.20 5.38
CA LEU B 3 9.15 -4.82 5.15
C LEU B 3 8.27 -4.69 3.91
N VAL B 4 7.08 -4.11 4.09
CA VAL B 4 6.21 -3.77 2.97
C VAL B 4 5.67 -2.35 3.11
N LYS B 5 5.14 -1.82 2.01
CA LYS B 5 4.49 -0.52 2.02
C LYS B 5 3.12 -0.68 2.65
N MET B 6 2.96 -0.16 3.86
CA MET B 6 1.74 -0.38 4.60
C MET B 6 1.02 0.93 4.81
N SER B 7 -0.24 0.97 4.41
CA SER B 7 -1.05 2.17 4.58
C SER B 7 -1.96 2.00 5.79
N HIS B 8 -2.61 3.08 6.21
CA HIS B 8 -3.60 2.99 7.28
C HIS B 8 -4.87 2.38 6.74
N PRO B 9 -5.63 1.67 7.61
CA PRO B 9 -6.98 1.30 7.22
C PRO B 9 -7.71 2.59 6.84
N SER B 10 -8.44 2.58 5.73
CA SER B 10 -9.02 3.80 5.21
C SER B 10 -10.51 4.01 5.54
N GLY B 11 -11.13 3.05 6.21
CA GLY B 11 -12.57 3.13 6.47
C GLY B 11 -13.08 4.47 7.01
N ASP B 12 -12.43 4.98 8.05
CA ASP B 12 -12.81 6.26 8.66
C ASP B 12 -12.85 7.40 7.65
N VAL B 13 -11.83 7.45 6.78
CA VAL B 13 -11.68 8.51 5.77
C VAL B 13 -12.59 8.30 4.57
N GLU B 14 -12.82 7.04 4.20
CA GLU B 14 -13.80 6.69 3.16
C GLU B 14 -15.11 7.38 3.44
N ALA B 15 -15.51 7.38 4.73
CA ALA B 15 -16.81 7.92 5.14
C ALA B 15 -16.92 9.46 5.10
N CYS B 16 -15.85 10.15 4.70
CA CYS B 16 -15.89 11.61 4.52
C CYS B 16 -15.79 12.06 3.07
N MET B 17 -15.64 11.14 2.12
CA MET B 17 -15.44 11.56 0.73
C MET B 17 -16.75 11.92 0.07
N VAL B 18 -16.74 13.02 -0.65
CA VAL B 18 -17.91 13.46 -1.39
C VAL B 18 -17.45 13.90 -2.76
N GLN B 19 -18.40 13.98 -3.68
CA GLN B 19 -18.15 14.54 -4.99
C GLN B 19 -18.58 15.99 -4.98
N VAL B 20 -17.72 16.86 -5.51
CA VAL B 20 -18.03 18.28 -5.64
C VAL B 20 -18.06 18.68 -7.11
N THR B 21 -19.11 19.40 -7.50
CA THR B 21 -19.30 19.78 -8.88
C THR B 21 -19.53 21.29 -8.95
N CYS B 22 -19.08 21.88 -10.04
CA CYS B 22 -19.18 23.32 -10.23
C CYS B 22 -19.12 23.60 -11.73
N GLY B 23 -20.25 23.99 -12.30
CA GLY B 23 -20.34 24.13 -13.74
C GLY B 23 -20.31 22.76 -14.37
N SER B 24 -19.22 22.44 -15.08
CA SER B 24 -19.05 21.13 -15.66
C SER B 24 -17.90 20.38 -14.97
N MET B 25 -17.05 21.12 -14.27
CA MET B 25 -15.97 20.50 -13.53
C MET B 25 -16.50 19.70 -12.34
N THR B 26 -16.02 18.47 -12.22
CA THR B 26 -16.31 17.65 -11.05
C THR B 26 -15.02 17.06 -10.48
N LEU B 27 -14.89 17.07 -9.17
CA LEU B 27 -13.77 16.40 -8.52
C LEU B 27 -14.16 16.00 -7.11
N ASN B 28 -13.21 15.47 -6.35
CA ASN B 28 -13.48 15.01 -4.99
C ASN B 28 -13.35 16.11 -3.93
N GLY B 29 -14.20 16.01 -2.89
CA GLY B 29 -14.15 16.86 -1.72
C GLY B 29 -14.05 16.05 -0.43
N LEU B 30 -13.70 16.73 0.65
CA LEU B 30 -13.58 16.11 1.97
C LEU B 30 -14.59 16.76 2.91
N TRP B 31 -15.50 15.98 3.46
CA TRP B 31 -16.64 16.50 4.24
C TRP B 31 -16.37 16.34 5.73
N LEU B 32 -16.05 17.44 6.39
CA LEU B 32 -15.82 17.40 7.82
C LEU B 32 -16.79 18.36 8.51
N ASP B 33 -17.63 17.82 9.40
CA ASP B 33 -18.65 18.63 10.05
C ASP B 33 -19.54 19.34 9.02
N ASP B 34 -19.58 20.66 9.06
CA ASP B 34 -20.36 21.42 8.08
C ASP B 34 -19.52 22.02 6.95
N THR B 35 -18.26 21.59 6.82
CA THR B 35 -17.43 22.13 5.75
C THR B 35 -16.98 21.07 4.74
N VAL B 36 -17.03 21.44 3.46
CA VAL B 36 -16.54 20.57 2.41
C VAL B 36 -15.29 21.21 1.77
N TRP B 37 -14.15 20.54 1.91
CA TRP B 37 -12.91 21.03 1.33
C TRP B 37 -12.71 20.45 -0.05
N CYS B 38 -12.19 21.25 -0.96
CA CYS B 38 -11.80 20.78 -2.30
C CYS B 38 -10.85 21.78 -2.94
N PRO B 39 -10.15 21.35 -4.01
CA PRO B 39 -9.24 22.22 -4.76
C PRO B 39 -9.99 23.38 -5.43
N ARG B 40 -9.43 24.57 -5.38
CA ARG B 40 -10.13 25.72 -5.95
C ARG B 40 -10.24 25.63 -7.47
N HIS B 41 -9.38 24.84 -8.12
CA HIS B 41 -9.41 24.77 -9.59
C HIS B 41 -10.69 24.08 -10.15
N VAL B 42 -11.52 23.55 -9.26
CA VAL B 42 -12.83 23.07 -9.68
C VAL B 42 -13.62 24.23 -10.31
N MET B 43 -13.25 25.46 -9.96
CA MET B 43 -13.88 26.66 -10.54
C MET B 43 -13.35 27.00 -11.93
N CYS B 44 -12.15 26.55 -12.25
CA CYS B 44 -11.43 27.03 -13.43
C CYS B 44 -11.93 26.39 -14.73
N PRO B 45 -12.40 27.23 -15.67
CA PRO B 45 -12.79 26.77 -17.01
C PRO B 45 -11.57 26.25 -17.75
N ALA B 46 -11.78 25.31 -18.67
CA ALA B 46 -10.68 24.69 -19.41
C ALA B 46 -9.79 25.72 -20.11
N ASP B 47 -10.39 26.78 -20.65
CA ASP B 47 -9.61 27.76 -21.42
C ASP B 47 -8.88 28.78 -20.55
N GLN B 48 -8.91 28.58 -19.23
CA GLN B 48 -8.23 29.46 -18.28
C GLN B 48 -7.11 28.72 -17.56
N LEU B 49 -6.93 27.45 -17.91
CA LEU B 49 -6.07 26.54 -17.16
C LEU B 49 -4.63 27.01 -17.05
N SER B 50 -4.09 27.60 -18.11
CA SER B 50 -2.69 28.01 -18.08
C SER B 50 -2.45 29.34 -17.40
N ASP B 51 -3.53 29.97 -16.95
CA ASP B 51 -3.41 31.28 -16.31
C ASP B 51 -4.73 31.73 -15.70
N PRO B 52 -5.15 31.07 -14.62
CA PRO B 52 -6.45 31.31 -14.01
C PRO B 52 -6.42 32.47 -13.02
N ASN B 53 -7.41 33.35 -13.10
CA ASN B 53 -7.59 34.36 -12.08
C ASN B 53 -8.58 33.83 -11.05
N TYR B 54 -8.07 33.33 -9.93
CA TYR B 54 -8.92 32.69 -8.94
C TYR B 54 -9.74 33.71 -8.15
N ASP B 55 -9.18 34.91 -7.94
CA ASP B 55 -9.99 35.98 -7.35
C ASP B 55 -11.22 36.26 -8.22
N ALA B 56 -11.02 36.46 -9.51
CA ALA B 56 -12.13 36.77 -10.41
C ALA B 56 -13.11 35.60 -10.53
N LEU B 57 -12.60 34.38 -10.54
CA LEU B 57 -13.46 33.20 -10.65
C LEU B 57 -14.36 33.10 -9.42
N LEU B 58 -13.78 33.25 -8.24
CA LEU B 58 -14.53 33.19 -6.97
C LEU B 58 -15.64 34.25 -6.91
N ILE B 59 -15.33 35.46 -7.37
CA ILE B 59 -16.31 36.54 -7.45
C ILE B 59 -17.50 36.07 -8.28
N SER B 60 -17.20 35.49 -9.43
CA SER B 60 -18.21 35.01 -10.37
C SER B 60 -19.21 34.03 -9.76
N MET B 61 -18.82 33.40 -8.66
CA MET B 61 -19.62 32.34 -8.05
C MET B 61 -20.64 32.83 -7.02
N THR B 62 -21.76 32.11 -6.97
CA THR B 62 -22.72 32.15 -5.87
C THR B 62 -22.71 30.78 -5.18
N ASN B 63 -23.39 30.65 -4.04
CA ASN B 63 -23.57 29.34 -3.41
C ASN B 63 -24.19 28.33 -4.39
N HIS B 64 -25.03 28.84 -5.28
CA HIS B 64 -25.75 28.03 -6.27
C HIS B 64 -24.81 27.35 -7.26
N SER B 65 -23.64 27.96 -7.45
CA SER B 65 -22.69 27.48 -8.44
C SER B 65 -22.10 26.10 -8.06
N PHE B 66 -22.02 25.85 -6.77
CA PHE B 66 -21.46 24.62 -6.22
C PHE B 66 -22.53 23.64 -5.78
N SER B 67 -22.29 22.35 -6.03
CA SER B 67 -23.16 21.30 -5.53
C SER B 67 -22.33 20.11 -5.05
N VAL B 68 -22.82 19.44 -4.00
CA VAL B 68 -22.10 18.36 -3.36
C VAL B 68 -22.97 17.12 -3.28
N GLN B 69 -22.40 15.97 -3.62
CA GLN B 69 -23.12 14.70 -3.59
C GLN B 69 -22.32 13.64 -2.85
N LYS B 70 -23.01 12.85 -2.03
CA LYS B 70 -22.39 11.71 -1.37
C LYS B 70 -22.76 10.45 -2.13
N HIS B 71 -21.77 9.79 -2.71
CA HIS B 71 -22.02 8.64 -3.56
C HIS B 71 -21.92 7.29 -2.85
N ILE B 72 -21.00 7.19 -1.90
CA ILE B 72 -20.80 5.93 -1.18
C ILE B 72 -21.23 6.06 0.28
N GLY B 73 -21.38 4.91 0.94
CA GLY B 73 -21.79 4.87 2.33
C GLY B 73 -23.12 5.54 2.53
N ALA B 74 -23.35 6.05 3.73
CA ALA B 74 -24.61 6.71 4.05
C ALA B 74 -24.89 7.83 3.07
N PRO B 75 -26.03 7.72 2.34
CA PRO B 75 -26.41 8.75 1.37
C PRO B 75 -26.80 10.04 2.08
N ALA B 76 -26.57 11.17 1.43
CA ALA B 76 -26.91 12.45 2.04
C ALA B 76 -27.27 13.51 1.00
N ASN B 77 -28.20 14.38 1.38
CA ASN B 77 -28.64 15.47 0.52
C ASN B 77 -28.01 16.74 1.09
N LEU B 78 -27.06 17.30 0.35
CA LEU B 78 -26.32 18.46 0.83
C LEU B 78 -26.63 19.69 0.00
N ARG B 79 -26.50 20.86 0.63
CA ARG B 79 -26.69 22.14 -0.03
C ARG B 79 -25.63 23.09 0.51
N VAL B 80 -24.89 23.75 -0.38
CA VAL B 80 -23.86 24.68 0.06
C VAL B 80 -24.53 26.01 0.43
N VAL B 81 -24.20 26.51 1.61
CA VAL B 81 -24.78 27.75 2.10
C VAL B 81 -23.66 28.75 2.37
N GLY B 82 -22.53 28.55 1.71
CA GLY B 82 -21.33 29.34 1.95
C GLY B 82 -20.17 28.81 1.12
N HIS B 83 -19.38 29.74 0.60
CA HIS B 83 -18.21 29.38 -0.21
C HIS B 83 -17.13 30.42 0.04
N ALA B 84 -15.92 29.94 0.21
CA ALA B 84 -14.79 30.79 0.52
C ALA B 84 -13.53 30.11 0.04
N MET B 85 -12.48 30.90 -0.15
CA MET B 85 -11.20 30.40 -0.63
C MET B 85 -10.16 30.43 0.47
N GLN B 86 -9.43 29.33 0.65
CA GLN B 86 -8.31 29.29 1.59
C GLN B 86 -7.05 28.85 0.85
N GLY B 87 -6.23 29.81 0.43
CA GLY B 87 -5.08 29.50 -0.40
C GLY B 87 -5.55 28.80 -1.66
N THR B 88 -5.10 27.56 -1.87
CA THR B 88 -5.41 26.84 -3.11
C THR B 88 -6.59 25.88 -2.95
N LEU B 89 -7.23 25.94 -1.79
CA LEU B 89 -8.40 25.12 -1.50
C LEU B 89 -9.68 25.95 -1.43
N LEU B 90 -10.78 25.33 -1.84
CA LEU B 90 -12.11 25.85 -1.60
C LEU B 90 -12.58 25.32 -0.26
N LYS B 91 -13.32 26.14 0.46
CA LYS B 91 -13.88 25.74 1.73
C LYS B 91 -15.37 26.06 1.69
N LEU B 92 -16.17 25.07 1.33
CA LEU B 92 -17.61 25.26 1.21
C LEU B 92 -18.30 24.93 2.54
N THR B 93 -19.41 25.60 2.83
CA THR B 93 -20.15 25.24 4.03
C THR B 93 -21.46 24.61 3.58
N VAL B 94 -21.81 23.50 4.22
CA VAL B 94 -23.05 22.81 3.88
C VAL B 94 -23.99 22.75 5.09
N ASP B 95 -25.27 22.48 4.83
CA ASP B 95 -26.28 22.57 5.87
C ASP B 95 -26.33 21.33 6.76
N VAL B 96 -25.58 20.30 6.41
CA VAL B 96 -25.59 19.09 7.22
C VAL B 96 -24.19 18.71 7.70
N ALA B 97 -24.04 18.63 9.01
CA ALA B 97 -22.79 18.18 9.60
C ALA B 97 -22.62 16.72 9.20
N ASN B 98 -21.37 16.30 9.01
CA ASN B 98 -21.09 14.93 8.63
C ASN B 98 -21.24 14.03 9.84
N PRO B 99 -22.24 13.15 9.82
CA PRO B 99 -22.48 12.28 10.97
C PRO B 99 -21.27 11.39 11.27
N SER B 100 -20.44 11.13 10.27
CA SER B 100 -19.26 10.28 10.43
C SER B 100 -17.95 11.08 10.48
N THR B 101 -18.00 12.27 11.08
CA THR B 101 -16.79 13.07 11.22
C THR B 101 -15.91 12.48 12.29
N PRO B 102 -14.63 12.21 11.95
CA PRO B 102 -13.76 11.54 12.92
C PRO B 102 -13.04 12.58 13.75
N ALA B 103 -12.51 12.20 14.90
CA ALA B 103 -11.59 13.11 15.59
C ALA B 103 -10.44 13.36 14.62
N TYR B 104 -10.01 14.62 14.48
CA TYR B 104 -8.97 14.92 13.51
C TYR B 104 -8.24 16.23 13.78
N THR B 105 -7.10 16.41 13.10
CA THR B 105 -6.40 17.69 13.06
C THR B 105 -5.93 17.96 11.65
N PHE B 106 -5.46 19.18 11.42
CA PHE B 106 -4.82 19.51 10.16
C PHE B 106 -3.33 19.65 10.42
N THR B 107 -2.54 18.82 9.76
CA THR B 107 -1.11 18.81 9.98
C THR B 107 -0.41 18.98 8.64
N THR B 108 0.63 19.79 8.58
CA THR B 108 1.47 19.80 7.40
C THR B 108 2.58 18.79 7.63
N VAL B 109 2.81 17.92 6.65
CA VAL B 109 3.79 16.85 6.81
C VAL B 109 5.16 17.30 6.30
N LYS B 110 6.22 16.73 6.87
CA LYS B 110 7.58 17.11 6.53
C LYS B 110 8.32 16.09 5.64
N PRO B 111 9.30 16.56 4.86
CA PRO B 111 10.13 15.67 4.04
C PRO B 111 10.61 14.48 4.85
N GLY B 112 10.52 13.29 4.27
CA GLY B 112 10.86 12.08 4.99
C GLY B 112 9.68 11.38 5.66
N ALA B 113 8.62 12.14 5.97
CA ALA B 113 7.49 11.57 6.70
C ALA B 113 6.51 10.80 5.79
N ALA B 114 6.06 9.65 6.26
CA ALA B 114 5.16 8.82 5.48
C ALA B 114 3.71 9.19 5.76
N PHE B 115 2.87 9.20 4.74
CA PHE B 115 1.42 9.27 4.93
C PHE B 115 0.64 8.37 3.98
N SER B 116 -0.61 8.11 4.32
CA SER B 116 -1.50 7.29 3.49
C SER B 116 -2.40 8.16 2.64
N VAL B 117 -2.64 7.72 1.41
CA VAL B 117 -3.46 8.48 0.48
C VAL B 117 -4.69 7.67 0.14
N LEU B 118 -5.86 8.30 0.11
CA LEU B 118 -7.05 7.61 -0.40
C LEU B 118 -7.37 8.19 -1.75
N ALA B 119 -7.05 7.42 -2.79
CA ALA B 119 -7.30 7.87 -4.16
C ALA B 119 -8.78 7.69 -4.49
N CYS B 120 -9.42 8.76 -4.94
CA CYS B 120 -10.86 8.72 -5.26
C CYS B 120 -11.14 9.30 -6.63
N TYR B 121 -12.24 8.85 -7.23
CA TYR B 121 -12.72 9.35 -8.50
C TYR B 121 -14.24 9.53 -8.44
N ASN B 122 -14.71 10.75 -8.64
CA ASN B 122 -16.14 11.04 -8.57
C ASN B 122 -16.73 10.69 -7.20
N GLY B 123 -16.02 11.05 -6.14
CA GLY B 123 -16.48 10.77 -4.79
C GLY B 123 -16.37 9.33 -4.32
N ARG B 124 -15.83 8.46 -5.17
CA ARG B 124 -15.74 7.05 -4.80
C ARG B 124 -14.33 6.54 -4.56
N PRO B 125 -14.02 6.18 -3.31
CA PRO B 125 -12.72 5.61 -2.97
C PRO B 125 -12.36 4.47 -3.92
N THR B 126 -11.15 4.50 -4.50
CA THR B 126 -10.77 3.45 -5.45
C THR B 126 -9.52 2.65 -5.05
N GLY B 127 -8.61 3.27 -4.28
CA GLY B 127 -7.41 2.57 -3.82
C GLY B 127 -6.68 3.37 -2.74
N THR B 128 -5.85 2.70 -1.94
CA THR B 128 -4.95 3.42 -1.03
C THR B 128 -3.53 2.97 -1.21
N PHE B 129 -2.62 3.88 -0.85
CA PHE B 129 -1.17 3.65 -0.87
C PHE B 129 -0.50 4.61 0.10
N THR B 130 0.77 4.35 0.43
CA THR B 130 1.57 5.25 1.25
C THR B 130 2.62 5.91 0.39
N VAL B 131 2.90 7.17 0.67
CA VAL B 131 4.02 7.87 0.08
C VAL B 131 4.81 8.52 1.17
N VAL B 132 6.08 8.75 0.89
CA VAL B 132 6.91 9.57 1.74
C VAL B 132 6.98 10.91 1.04
N MET B 133 6.84 11.97 1.81
CA MET B 133 6.95 13.32 1.29
C MET B 133 8.40 13.63 0.95
N ARG B 134 8.68 13.85 -0.34
CA ARG B 134 10.04 14.06 -0.83
C ARG B 134 10.71 15.32 -0.28
N PRO B 135 12.06 15.32 -0.22
CA PRO B 135 12.79 16.52 0.20
C PRO B 135 12.59 17.71 -0.74
N ASN B 136 12.15 17.48 -1.97
CA ASN B 136 11.80 18.58 -2.86
C ASN B 136 10.30 18.88 -2.84
N TYR B 137 9.63 18.43 -1.79
CA TYR B 137 8.22 18.74 -1.57
C TYR B 137 7.31 18.29 -2.71
N THR B 138 7.58 17.09 -3.22
CA THR B 138 6.66 16.39 -4.11
C THR B 138 6.44 14.96 -3.59
N ILE B 139 5.57 14.23 -4.27
CA ILE B 139 5.40 12.82 -3.94
C ILE B 139 5.38 12.02 -5.23
N LYS B 140 5.83 10.77 -5.13
CA LYS B 140 5.78 9.87 -6.25
C LYS B 140 4.49 9.06 -6.10
N GLY B 141 3.42 9.61 -6.68
CA GLY B 141 2.10 9.04 -6.48
C GLY B 141 1.57 8.27 -7.67
N SER B 142 0.27 7.97 -7.61
CA SER B 142 -0.44 7.29 -8.68
C SER B 142 -1.80 7.94 -8.80
N PHE B 143 -1.94 8.86 -9.75
CA PHE B 143 -3.15 9.67 -9.90
C PHE B 143 -3.49 9.89 -11.37
N LEU B 144 -4.79 9.83 -11.69
CA LEU B 144 -5.26 10.16 -13.04
C LEU B 144 -6.21 11.37 -12.97
N CYS B 145 -6.85 11.71 -14.08
CA CYS B 145 -7.79 12.82 -14.06
C CYS B 145 -9.09 12.37 -13.40
N GLY B 146 -9.63 13.22 -12.53
CA GLY B 146 -10.79 12.86 -11.73
C GLY B 146 -10.32 12.57 -10.31
N SER B 147 -9.02 12.47 -10.14
CA SER B 147 -8.46 12.11 -8.85
C SER B 147 -8.26 13.30 -7.91
N CYS B 148 -8.47 14.52 -8.41
CA CYS B 148 -8.20 15.68 -7.57
C CYS B 148 -9.16 15.84 -6.39
N GLY B 149 -8.60 16.17 -5.24
CA GLY B 149 -9.35 16.21 -4.00
C GLY B 149 -9.12 14.94 -3.17
N SER B 150 -8.47 13.93 -3.76
CA SER B 150 -8.11 12.72 -3.04
C SER B 150 -7.29 13.17 -1.86
N VAL B 151 -7.40 12.49 -0.73
CA VAL B 151 -6.77 13.01 0.50
C VAL B 151 -5.68 12.12 1.07
N GLY B 152 -4.73 12.75 1.74
CA GLY B 152 -3.67 12.05 2.47
C GLY B 152 -3.72 12.39 3.96
N TYR B 153 -3.31 11.44 4.81
CA TYR B 153 -3.46 11.61 6.24
C TYR B 153 -2.51 10.69 6.99
N THR B 154 -2.29 11.00 8.25
CA THR B 154 -1.66 10.07 9.19
C THR B 154 -2.65 9.86 10.32
N LYS B 155 -2.35 8.93 11.21
CA LYS B 155 -3.23 8.70 12.36
C LYS B 155 -2.47 8.72 13.68
N GLU B 156 -3.14 9.22 14.71
CA GLU B 156 -2.65 9.23 16.08
C GLU B 156 -3.69 8.56 16.95
N GLY B 157 -3.51 7.27 17.22
CA GLY B 157 -4.58 6.48 17.77
C GLY B 157 -5.75 6.56 16.81
N SER B 158 -6.85 7.16 17.25
CA SER B 158 -8.05 7.23 16.44
C SER B 158 -8.18 8.61 15.80
N VAL B 159 -7.28 9.51 16.17
CA VAL B 159 -7.27 10.85 15.61
C VAL B 159 -6.61 10.84 14.23
N ILE B 160 -7.33 11.32 13.24
CA ILE B 160 -6.82 11.38 11.88
C ILE B 160 -6.23 12.75 11.60
N ASN B 161 -4.95 12.79 11.29
CA ASN B 161 -4.29 14.04 10.92
C ASN B 161 -4.24 14.25 9.40
N PHE B 162 -5.19 15.00 8.86
CA PHE B 162 -5.24 15.26 7.42
C PHE B 162 -4.11 16.19 6.98
N CYS B 163 -3.36 15.79 5.95
CA CYS B 163 -2.17 16.54 5.55
C CYS B 163 -2.06 16.85 4.06
N TYR B 164 -2.86 16.20 3.24
CA TYR B 164 -2.68 16.34 1.80
C TYR B 164 -4.00 16.28 1.05
N MET B 165 -4.17 17.17 0.08
CA MET B 165 -5.30 17.08 -0.83
C MET B 165 -4.77 17.23 -2.23
N HIS B 166 -4.96 16.20 -3.05
CA HIS B 166 -4.26 16.10 -4.35
C HIS B 166 -4.66 17.20 -5.33
N GLN B 167 -3.66 17.79 -5.96
CA GLN B 167 -3.87 18.92 -6.86
C GLN B 167 -3.40 18.70 -8.29
N MET B 168 -2.21 18.13 -8.47
CA MET B 168 -1.61 18.17 -9.80
C MET B 168 -0.45 17.20 -10.10
N GLU B 169 -0.19 17.05 -11.38
CA GLU B 169 0.95 16.27 -11.86
C GLU B 169 2.00 17.20 -12.46
N LEU B 170 3.18 17.25 -11.82
CA LEU B 170 4.26 18.15 -12.25
C LEU B 170 5.14 17.60 -13.39
N ALA B 171 5.38 16.29 -13.33
CA ALA B 171 6.07 15.57 -14.39
C ALA B 171 5.57 14.15 -14.34
N ASN B 172 6.14 13.28 -15.16
CA ASN B 172 5.72 11.89 -15.15
C ASN B 172 5.81 11.35 -13.72
N GLY B 173 4.67 10.88 -13.22
CA GLY B 173 4.60 10.27 -11.90
C GLY B 173 5.15 11.09 -10.74
N THR B 174 5.11 12.41 -10.86
CA THR B 174 5.48 13.24 -9.72
C THR B 174 4.42 14.31 -9.48
N HIS B 175 3.97 14.37 -8.23
CA HIS B 175 2.72 15.02 -7.89
C HIS B 175 2.88 15.94 -6.72
N THR B 176 1.93 16.87 -6.61
CA THR B 176 1.79 17.67 -5.40
C THR B 176 0.32 18.07 -5.16
N GLY B 177 0.08 18.60 -3.97
CA GLY B 177 -1.23 19.05 -3.58
C GLY B 177 -1.10 19.97 -2.37
N SER B 178 -2.23 20.23 -1.71
CA SER B 178 -2.31 21.22 -0.64
C SER B 178 -2.29 20.59 0.74
N ALA B 179 -1.67 21.29 1.70
CA ALA B 179 -2.00 21.03 3.10
C ALA B 179 -3.33 21.73 3.33
N PHE B 180 -4.00 21.45 4.46
CA PHE B 180 -5.35 21.99 4.64
C PHE B 180 -5.37 23.46 5.09
N ASP B 181 -4.20 23.99 5.43
CA ASP B 181 -4.04 25.44 5.60
C ASP B 181 -4.13 26.15 4.24
N GLY B 182 -4.26 25.38 3.17
CA GLY B 182 -4.39 25.95 1.84
C GLY B 182 -3.07 26.18 1.12
N THR B 183 -1.95 25.82 1.74
CA THR B 183 -0.64 25.96 1.07
C THR B 183 -0.23 24.77 0.21
N MET B 184 0.19 25.04 -1.02
CA MET B 184 0.68 23.98 -1.89
C MET B 184 2.05 23.49 -1.45
N TYR B 185 2.19 22.18 -1.26
CA TYR B 185 3.49 21.59 -0.99
C TYR B 185 4.45 21.96 -2.11
N GLY B 186 5.63 22.46 -1.73
CA GLY B 186 6.65 22.84 -2.69
C GLY B 186 6.41 24.18 -3.35
N ALA B 187 5.36 24.87 -2.93
CA ALA B 187 5.00 26.19 -3.46
C ALA B 187 4.70 26.18 -4.95
N PHE B 188 4.41 25.00 -5.49
CA PHE B 188 3.96 24.90 -6.86
C PHE B 188 2.63 25.59 -6.97
N MET B 189 2.30 26.10 -8.14
CA MET B 189 1.07 26.82 -8.24
C MET B 189 0.08 26.08 -9.14
N ASP B 190 -1.21 26.32 -8.89
CA ASP B 190 -2.25 25.60 -9.60
C ASP B 190 -2.65 26.28 -10.91
N LYS B 191 -1.70 26.29 -11.85
CA LYS B 191 -1.94 26.70 -13.22
C LYS B 191 -1.14 25.75 -14.12
N GLN B 192 -1.60 25.56 -15.35
CA GLN B 192 -0.95 24.63 -16.27
C GLN B 192 0.17 25.34 -17.01
N VAL B 193 1.27 25.50 -16.29
CA VAL B 193 2.50 26.04 -16.84
C VAL B 193 3.58 25.07 -16.43
N HIS B 194 4.62 24.92 -17.26
CA HIS B 194 5.74 24.10 -16.81
C HIS B 194 6.39 24.71 -15.57
N GLN B 195 6.55 23.92 -14.53
CA GLN B 195 7.15 24.38 -13.29
C GLN B 195 8.23 23.43 -12.86
N VAL B 196 9.46 23.91 -12.86
CA VAL B 196 10.63 23.08 -12.59
C VAL B 196 10.68 22.68 -11.13
N GLN B 197 11.26 21.53 -10.85
CA GLN B 197 11.35 21.03 -9.49
C GLN B 197 12.78 21.02 -9.00
N LEU B 198 12.97 21.26 -7.70
CA LEU B 198 14.28 21.13 -7.09
C LEU B 198 14.79 19.70 -7.17
N THR B 199 16.12 19.56 -7.21
CA THR B 199 16.77 18.27 -7.18
C THR B 199 16.26 17.50 -5.97
N ASP B 200 16.02 16.21 -6.15
CA ASP B 200 15.54 15.37 -5.08
C ASP B 200 16.72 15.02 -4.19
N LYS B 201 16.46 14.54 -2.98
CA LYS B 201 17.54 14.17 -2.08
C LYS B 201 17.20 12.99 -1.19
N TYR B 202 18.18 12.12 -0.95
CA TYR B 202 17.96 10.99 -0.06
C TYR B 202 17.49 11.52 1.29
N CYS B 203 16.50 10.85 1.88
CA CYS B 203 16.03 11.17 3.23
C CYS B 203 16.89 10.43 4.26
N SER B 204 17.85 11.16 4.82
CA SER B 204 18.88 10.58 5.66
C SER B 204 18.34 9.71 6.78
N VAL B 205 17.31 10.21 7.45
CA VAL B 205 16.78 9.50 8.59
C VAL B 205 16.12 8.19 8.15
N ASN B 206 15.57 8.17 6.95
CA ASN B 206 14.95 6.93 6.46
C ASN B 206 16.00 5.90 5.99
N VAL B 207 17.05 6.38 5.32
CA VAL B 207 18.15 5.51 4.93
C VAL B 207 18.71 4.83 6.18
N VAL B 208 18.88 5.60 7.25
CA VAL B 208 19.38 5.02 8.50
C VAL B 208 18.43 3.98 9.05
N ALA B 209 17.13 4.26 8.90
CA ALA B 209 16.09 3.33 9.32
C ALA B 209 16.25 2.01 8.59
N TRP B 210 16.45 2.13 7.27
CA TRP B 210 16.62 0.98 6.38
C TRP B 210 17.86 0.16 6.71
N LEU B 211 18.96 0.83 7.06
CA LEU B 211 20.18 0.12 7.43
C LEU B 211 19.95 -0.63 8.74
N TYR B 212 19.20 -0.02 9.65
CA TYR B 212 18.83 -0.70 10.88
C TYR B 212 18.05 -1.97 10.56
N ALA B 213 17.12 -1.86 9.63
CA ALA B 213 16.35 -3.04 9.23
C ALA B 213 17.29 -4.12 8.68
N ALA B 214 18.28 -3.72 7.89
CA ALA B 214 19.23 -4.66 7.35
C ALA B 214 19.87 -5.45 8.49
N ILE B 215 20.49 -4.72 9.41
CA ILE B 215 21.12 -5.30 10.60
C ILE B 215 20.17 -6.26 11.32
N LEU B 216 18.91 -5.84 11.42
CA LEU B 216 17.91 -6.63 12.12
C LEU B 216 17.63 -7.93 11.39
N ASN B 217 17.90 -7.94 10.09
CA ASN B 217 17.68 -9.11 9.25
C ASN B 217 18.92 -9.99 9.10
N GLY B 218 20.02 -9.58 9.73
CA GLY B 218 21.26 -10.33 9.65
C GLY B 218 22.18 -9.86 8.55
N CYS B 219 21.98 -8.61 8.11
CA CYS B 219 22.80 -8.03 7.07
C CYS B 219 23.50 -6.79 7.60
N ALA B 220 24.73 -6.94 8.05
CA ALA B 220 25.48 -5.81 8.60
C ALA B 220 26.95 -5.77 8.20
N TRP B 221 27.25 -6.15 6.96
CA TRP B 221 28.63 -6.11 6.50
C TRP B 221 29.14 -4.67 6.38
N PHE B 222 28.23 -3.72 6.30
CA PHE B 222 28.55 -2.30 6.11
C PHE B 222 28.84 -1.63 7.46
N VAL B 223 28.67 -2.38 8.55
CA VAL B 223 28.81 -1.81 9.88
C VAL B 223 30.25 -1.85 10.37
N LYS B 224 30.78 -0.66 10.64
CA LYS B 224 32.15 -0.50 11.13
C LYS B 224 32.15 0.13 12.52
N PRO B 225 33.27 -0.03 13.25
CA PRO B 225 33.44 0.63 14.56
C PRO B 225 33.44 2.14 14.38
N ASN B 226 33.93 2.58 13.21
CA ASN B 226 34.01 3.99 12.86
C ASN B 226 32.66 4.69 12.87
N ARG B 227 32.68 5.99 13.07
CA ARG B 227 31.45 6.77 13.07
C ARG B 227 31.67 8.18 12.57
N THR B 228 30.58 8.86 12.26
CA THR B 228 30.58 10.28 11.97
C THR B 228 29.62 10.94 12.96
N SER B 229 30.01 12.08 13.51
CA SER B 229 29.09 12.81 14.38
C SER B 229 27.87 13.26 13.56
N VAL B 230 26.74 13.48 14.23
CA VAL B 230 25.57 14.02 13.54
C VAL B 230 25.92 15.33 12.85
N VAL B 231 26.56 16.24 13.58
CA VAL B 231 26.93 17.54 13.04
C VAL B 231 27.87 17.41 11.83
N SER B 232 28.94 16.62 11.97
CA SER B 232 29.78 16.30 10.82
C SER B 232 28.91 15.85 9.65
N PHE B 233 28.14 14.78 9.85
CA PHE B 233 27.25 14.28 8.79
C PHE B 233 26.36 15.37 8.19
N ASN B 234 25.73 16.16 9.04
CA ASN B 234 24.82 17.21 8.58
C ASN B 234 25.43 18.23 7.63
N GLU B 235 26.68 18.64 7.89
CA GLU B 235 27.36 19.56 7.00
C GLU B 235 27.78 18.86 5.71
N TRP B 236 28.18 17.60 5.84
CA TRP B 236 28.50 16.79 4.67
C TRP B 236 27.25 16.59 3.82
N ALA B 237 26.11 16.40 4.48
CA ALA B 237 24.84 16.14 3.79
C ALA B 237 24.51 17.25 2.80
N LEU B 238 24.64 18.49 3.25
CA LEU B 238 24.30 19.64 2.41
C LEU B 238 25.00 19.59 1.05
N ALA B 239 26.11 18.87 0.97
CA ALA B 239 26.91 18.87 -0.26
C ALA B 239 26.77 17.60 -1.10
N ASN B 240 26.03 16.62 -0.60
CA ASN B 240 25.92 15.33 -1.28
C ASN B 240 24.50 14.79 -1.48
N GLN B 241 23.53 15.69 -1.65
CA GLN B 241 22.15 15.30 -1.88
C GLN B 241 21.60 14.36 -0.79
N PHE B 242 21.81 14.75 0.46
CA PHE B 242 21.22 14.09 1.60
C PHE B 242 20.62 15.16 2.49
N THR B 243 19.41 14.93 2.97
CA THR B 243 18.77 15.81 3.93
C THR B 243 19.50 15.74 5.26
N GLU B 244 19.29 16.76 6.09
CA GLU B 244 19.91 16.80 7.41
C GLU B 244 19.26 15.75 8.31
N PHE B 245 20.09 15.06 9.08
CA PHE B 245 19.60 14.02 9.98
C PHE B 245 19.13 14.57 11.33
N VAL B 246 17.85 14.38 11.62
CA VAL B 246 17.28 14.77 12.90
C VAL B 246 16.88 13.51 13.67
N GLY B 247 17.56 13.23 14.77
CA GLY B 247 17.28 12.02 15.55
C GLY B 247 15.91 12.04 16.20
N THR B 248 15.34 10.85 16.42
CA THR B 248 14.01 10.73 17.02
C THR B 248 14.01 9.57 18.00
N GLN B 249 12.95 9.47 18.80
CA GLN B 249 12.85 8.41 19.77
C GLN B 249 12.89 7.03 19.13
N SER B 250 12.15 6.86 18.03
CA SER B 250 12.10 5.53 17.42
C SER B 250 13.44 5.13 16.78
N VAL B 251 14.15 6.09 16.18
CA VAL B 251 15.53 5.81 15.78
C VAL B 251 16.36 5.30 16.97
N ASP B 252 16.23 5.98 18.10
CA ASP B 252 16.98 5.59 19.29
C ASP B 252 16.60 4.16 19.74
N MET B 253 15.36 3.77 19.48
CA MET B 253 14.91 2.43 19.80
C MET B 253 15.69 1.42 18.95
N LEU B 254 15.84 1.72 17.66
CA LEU B 254 16.59 0.84 16.77
C LEU B 254 18.04 0.73 17.22
N ALA B 255 18.66 1.87 17.51
CA ALA B 255 20.05 1.89 17.96
C ALA B 255 20.22 1.01 19.20
N VAL B 256 19.21 1.03 20.08
CA VAL B 256 19.26 0.22 21.29
C VAL B 256 19.12 -1.25 20.99
N LYS B 257 18.11 -1.60 20.20
CA LYS B 257 17.83 -3.01 19.89
C LYS B 257 18.97 -3.69 19.16
N THR B 258 19.59 -2.99 18.22
CA THR B 258 20.63 -3.58 17.39
C THR B 258 22.00 -3.44 18.04
N GLY B 259 22.09 -2.59 19.06
CA GLY B 259 23.35 -2.33 19.72
C GLY B 259 24.26 -1.49 18.85
N VAL B 260 23.75 -1.05 17.72
CA VAL B 260 24.53 -0.27 16.75
C VAL B 260 24.21 1.20 16.88
N ALA B 261 25.24 2.02 17.03
CA ALA B 261 25.06 3.46 17.24
C ALA B 261 24.74 4.20 15.95
N ILE B 262 23.92 5.22 16.07
CA ILE B 262 23.55 6.07 14.94
C ILE B 262 24.77 6.53 14.15
N GLU B 263 25.72 7.17 14.82
CA GLU B 263 26.88 7.74 14.11
C GLU B 263 27.60 6.71 13.25
N GLN B 264 27.60 5.44 13.70
CA GLN B 264 28.20 4.37 12.91
C GLN B 264 27.53 4.25 11.55
N LEU B 265 26.20 4.28 11.54
CA LEU B 265 25.44 4.20 10.29
C LEU B 265 25.65 5.43 9.39
N LEU B 266 25.92 6.59 9.99
CA LEU B 266 26.16 7.80 9.22
C LEU B 266 27.51 7.68 8.54
N TYR B 267 28.46 7.08 9.24
CA TYR B 267 29.74 6.79 8.67
C TYR B 267 29.54 5.80 7.52
N ALA B 268 28.71 4.79 7.75
CA ALA B 268 28.36 3.82 6.73
C ALA B 268 27.81 4.47 5.46
N ILE B 269 26.97 5.51 5.64
CA ILE B 269 26.34 6.22 4.52
C ILE B 269 27.36 6.94 3.65
N GLN B 270 28.37 7.51 4.32
CA GLN B 270 29.54 8.08 3.64
C GLN B 270 30.08 7.10 2.59
N GLN B 271 30.40 5.90 3.05
CA GLN B 271 30.98 4.83 2.23
C GLN B 271 30.06 4.36 1.12
N LEU B 272 28.81 4.10 1.47
CA LEU B 272 27.87 3.44 0.58
C LEU B 272 27.35 4.34 -0.54
N TYR B 273 27.29 5.63 -0.26
CA TYR B 273 26.70 6.59 -1.19
C TYR B 273 27.28 6.47 -2.61
N THR B 274 28.55 6.08 -2.70
CA THR B 274 29.25 5.97 -3.98
C THR B 274 28.91 4.69 -4.75
N GLY B 275 28.37 3.69 -4.03
CA GLY B 275 28.09 2.37 -4.58
C GLY B 275 28.43 1.26 -3.59
N PHE B 276 27.79 0.10 -3.72
CA PHE B 276 28.02 -1.01 -2.77
C PHE B 276 29.18 -1.90 -3.23
N GLN B 277 29.74 -1.55 -4.39
CA GLN B 277 30.89 -2.26 -4.96
C GLN B 277 30.66 -3.75 -5.19
N GLY B 278 29.55 -4.06 -5.84
CA GLY B 278 29.21 -5.45 -6.13
C GLY B 278 28.32 -6.10 -5.08
N LYS B 279 28.28 -5.56 -3.87
CA LYS B 279 27.44 -6.11 -2.81
C LYS B 279 26.01 -5.57 -2.79
N GLN B 280 25.17 -6.18 -1.97
CA GLN B 280 23.80 -5.75 -1.81
C GLN B 280 23.40 -5.61 -0.35
N ILE B 281 22.40 -4.77 -0.11
CA ILE B 281 21.73 -4.70 1.18
C ILE B 281 20.21 -4.87 0.97
N LEU B 282 19.64 -5.93 1.51
CA LEU B 282 18.19 -6.12 1.52
C LEU B 282 17.34 -5.71 0.30
N GLY B 283 17.46 -6.31 -0.87
CA GLY B 283 18.66 -6.86 -1.45
C GLY B 283 18.67 -6.00 -2.71
N SER B 284 19.13 -4.76 -2.56
CA SER B 284 19.28 -3.83 -3.66
C SER B 284 20.70 -3.28 -3.72
N THR B 285 21.02 -2.63 -4.83
CA THR B 285 22.34 -2.03 -4.97
C THR B 285 22.29 -0.53 -4.70
N MET B 286 21.13 -0.03 -4.26
CA MET B 286 20.94 1.39 -4.03
C MET B 286 20.46 1.65 -2.60
N LEU B 287 20.73 2.86 -2.12
CA LEU B 287 20.18 3.26 -0.83
C LEU B 287 18.66 3.40 -0.93
N GLU B 288 17.98 3.05 0.16
CA GLU B 288 16.53 3.04 0.23
C GLU B 288 16.07 4.01 1.33
N ASP B 289 15.26 5.00 0.98
CA ASP B 289 14.80 6.00 1.94
C ASP B 289 13.25 6.14 1.98
N GLU B 290 12.53 5.07 1.63
CA GLU B 290 11.08 5.14 1.55
C GLU B 290 10.43 4.44 2.75
N PHE B 291 11.26 3.98 3.69
CA PHE B 291 10.79 3.46 4.96
C PHE B 291 11.34 4.31 6.10
N THR B 292 10.49 4.54 7.10
CA THR B 292 10.79 5.42 8.20
C THR B 292 11.22 4.59 9.40
N PRO B 293 11.77 5.24 10.42
CA PRO B 293 12.02 4.50 11.66
C PRO B 293 10.75 3.83 12.23
N GLU B 294 9.60 4.47 12.08
CA GLU B 294 8.38 3.89 12.64
C GLU B 294 7.93 2.62 11.90
N ASP B 295 8.11 2.60 10.58
CA ASP B 295 7.89 1.39 9.80
C ASP B 295 8.72 0.22 10.32
N VAL B 296 10.01 0.48 10.52
CA VAL B 296 10.91 -0.58 10.96
C VAL B 296 10.53 -1.02 12.36
N ASN B 297 10.33 -0.05 13.26
CA ASN B 297 9.88 -0.37 14.61
C ASN B 297 8.62 -1.21 14.59
N MET B 298 7.65 -0.72 13.84
CA MET B 298 6.34 -1.32 13.76
C MET B 298 6.42 -2.73 13.14
N GLN B 299 6.84 -2.80 11.89
CA GLN B 299 6.73 -4.06 11.15
C GLN B 299 7.73 -5.14 11.55
N ILE B 300 8.91 -4.73 11.99
CA ILE B 300 9.90 -5.71 12.41
C ILE B 300 9.77 -6.03 13.90
N MET B 301 9.47 -5.01 14.69
CA MET B 301 9.39 -5.21 16.14
C MET B 301 8.02 -4.91 16.74
N GLY B 302 7.92 -5.03 18.05
CA GLY B 302 6.64 -4.81 18.71
C GLY B 302 5.96 -3.47 18.43
N VAL B 303 6.69 -2.37 18.55
CA VAL B 303 6.04 -1.06 18.56
C VAL B 303 5.64 -0.61 17.16
N ALA C 2 2.86 21.59 -16.05
CA ALA C 2 2.26 20.97 -14.88
C ALA C 2 0.88 20.63 -15.36
N VAL C 3 0.23 19.43 -14.90
CA VAL C 3 -1.11 19.16 -15.42
C VAL C 3 -2.10 19.26 -14.21
N LEU C 4 -3.24 20.17 -14.32
CA LEU C 4 -4.15 20.23 -13.18
C LEU C 4 -4.96 18.96 -13.18
N ALA D 2 8.80 -23.73 10.64
CA ALA D 2 7.51 -23.16 10.29
C ALA D 2 6.99 -22.61 11.60
N VAL D 3 6.65 -21.20 11.72
CA VAL D 3 6.16 -20.65 12.98
C VAL D 3 4.64 -20.28 12.84
N LEU D 4 3.63 -21.01 13.63
CA LEU D 4 2.20 -20.67 13.54
C LEU D 4 2.03 -19.24 14.00
#